data_2V9O
#
_entry.id   2V9O
#
_cell.length_a   86.193
_cell.length_b   86.193
_cell.length_c   89.873
_cell.angle_alpha   90.00
_cell.angle_beta   90.00
_cell.angle_gamma   90.00
#
_symmetry.space_group_name_H-M   'P 4'
#
loop_
_entity.id
_entity.type
_entity.pdbx_description
1 polymer 'RHAMNULOSE-1-PHOSPHATE ALDOLASE'
2 non-polymer 'ZINC ION'
3 water water
#
_entity_poly.entity_id   1
_entity_poly.type   'polypeptide(L)'
_entity_poly.pdbx_seq_one_letter_code
;MQNITQSWFVQGMIKATTDAWLKGWDERNGGNLTLRLDDADIAPYHDNFHQQPRYIPLSQPMPLLANTPFIVTGSGKFFR
NVQLDPMANLGIVKVDSDGAGYHILWGLFNEAVPTSELPAHFLSHCERIKATNGKDRVIMHCHATNLIALTYVLENDTAV
FTRQLWEGSTECLVVFPDGVGILPWMVPGTDAIGQATAQEMQKHSLVLWPFHGVFGSGPTLDETFGLIDTAEKSAQVLVK
VYSMGGMKQTISREELIALGKRFGVTPLASALAL
;
_entity_poly.pdbx_strand_id   A,E
#
loop_
_chem_comp.id
_chem_comp.type
_chem_comp.name
_chem_comp.formula
ZN non-polymer 'ZINC ION' 'Zn 2'
#
# COMPACT_ATOMS: atom_id res chain seq x y z
N MET A 1 30.50 37.03 29.08
CA MET A 1 29.77 36.30 28.00
C MET A 1 28.39 36.91 27.72
N GLN A 2 27.81 36.57 26.54
CA GLN A 2 26.37 36.66 26.38
C GLN A 2 25.72 35.37 26.94
N ASN A 3 24.48 35.49 27.42
CA ASN A 3 23.83 34.33 27.95
C ASN A 3 23.54 33.37 26.77
N ILE A 4 23.35 32.09 27.06
CA ILE A 4 23.05 31.15 26.00
C ILE A 4 21.69 31.49 25.39
N THR A 5 20.86 32.23 26.14
CA THR A 5 19.54 32.49 25.63
C THR A 5 19.66 33.43 24.45
N GLN A 6 20.78 34.15 24.37
CA GLN A 6 21.00 35.09 23.30
C GLN A 6 21.68 34.49 22.08
N SER A 7 22.04 33.21 22.17
CA SER A 7 22.74 32.45 21.13
C SER A 7 21.88 32.19 19.92
N TRP A 8 22.50 31.98 18.77
CA TRP A 8 21.73 31.86 17.55
C TRP A 8 20.71 30.73 17.60
N PHE A 9 21.06 29.62 18.23
CA PHE A 9 20.23 28.42 18.29
C PHE A 9 19.09 28.53 19.29
N VAL A 10 19.31 29.16 20.45
CA VAL A 10 18.16 29.36 21.36
C VAL A 10 17.20 30.37 20.69
N GLN A 11 17.72 31.48 20.23
CA GLN A 11 16.97 32.45 19.37
C GLN A 11 16.28 31.82 18.12
N GLY A 12 16.99 30.96 17.43
CA GLY A 12 16.32 30.24 16.33
C GLY A 12 15.14 29.40 16.86
N MET A 13 15.30 28.64 17.94
CA MET A 13 14.19 27.86 18.40
C MET A 13 13.05 28.76 18.83
N ILE A 14 13.34 29.92 19.42
CA ILE A 14 12.26 30.82 19.86
C ILE A 14 11.49 31.30 18.65
N LYS A 15 12.24 31.54 17.61
CA LYS A 15 11.67 32.16 16.41
C LYS A 15 10.77 31.15 15.69
N ALA A 16 11.25 29.93 15.55
CA ALA A 16 10.51 28.90 14.84
C ALA A 16 9.29 28.41 15.63
N THR A 17 9.45 28.10 16.93
CA THR A 17 8.27 27.76 17.74
C THR A 17 7.25 28.89 17.78
N THR A 18 7.72 30.11 17.99
CA THR A 18 6.74 31.22 18.08
C THR A 18 6.00 31.34 16.74
N ASP A 19 6.75 31.23 15.65
CA ASP A 19 6.14 31.50 14.29
C ASP A 19 5.08 30.41 14.03
N ALA A 20 5.33 29.19 14.54
CA ALA A 20 4.44 28.05 14.32
C ALA A 20 3.23 28.23 15.20
N TRP A 21 3.46 28.71 16.40
CA TRP A 21 2.36 29.00 17.30
C TRP A 21 1.53 30.05 16.59
N LEU A 22 2.19 31.06 16.08
CA LEU A 22 1.42 32.11 15.37
C LEU A 22 0.54 31.65 14.20
N LYS A 23 0.95 30.52 13.57
CA LYS A 23 0.30 29.97 12.35
C LYS A 23 -0.98 29.24 12.74
N GLY A 24 -1.14 28.94 14.01
CA GLY A 24 -2.28 28.10 14.41
C GLY A 24 -1.91 26.59 14.53
N TRP A 25 -0.64 26.26 14.35
CA TRP A 25 -0.13 24.90 14.25
C TRP A 25 0.14 24.21 15.55
N ASP A 26 0.04 24.91 16.67
CA ASP A 26 0.66 24.35 17.85
C ASP A 26 -0.16 24.72 19.09
N GLU A 27 -1.43 24.34 19.04
CA GLU A 27 -2.42 24.44 20.13
C GLU A 27 -1.78 23.67 21.32
N ARG A 28 -2.02 24.15 22.55
CA ARG A 28 -1.50 23.46 23.74
C ARG A 28 0.00 23.11 23.64
N ASN A 29 0.37 21.89 24.01
CA ASN A 29 1.77 21.42 23.72
C ASN A 29 1.97 20.76 22.38
N GLY A 30 1.03 20.96 21.45
CA GLY A 30 1.05 20.21 20.21
C GLY A 30 2.27 20.54 19.39
N GLY A 31 2.93 19.56 18.82
CA GLY A 31 4.01 19.91 17.88
C GLY A 31 5.29 19.77 18.67
N ASN A 32 6.42 19.56 18.01
CA ASN A 32 7.69 19.57 18.72
C ASN A 32 8.82 19.79 17.73
N LEU A 33 10.00 20.17 18.22
CA LEU A 33 11.10 20.59 17.37
C LEU A 33 12.41 20.19 18.00
N THR A 34 13.31 19.55 17.23
CA THR A 34 14.61 19.36 17.69
C THR A 34 15.58 19.78 16.57
N LEU A 35 16.71 20.38 17.01
CA LEU A 35 17.75 20.90 16.14
C LEU A 35 19.11 20.31 16.59
N ARG A 36 19.75 19.54 15.69
CA ARG A 36 21.10 19.03 15.90
C ARG A 36 22.13 20.10 15.95
N LEU A 37 22.98 20.05 17.00
CA LEU A 37 23.94 21.14 17.09
C LEU A 37 25.32 20.53 16.87
N ASP A 38 26.37 21.36 16.71
CA ASP A 38 27.79 20.91 16.74
C ASP A 38 28.30 21.13 18.16
N ASP A 39 29.43 20.51 18.50
CA ASP A 39 30.08 20.84 19.78
C ASP A 39 30.45 22.35 19.89
N ALA A 40 30.93 22.89 18.78
CA ALA A 40 31.39 24.26 18.68
C ALA A 40 30.28 25.22 19.00
N ASP A 41 29.04 24.83 18.76
CA ASP A 41 27.92 25.68 19.11
C ASP A 41 27.75 25.86 20.59
N ILE A 42 27.82 24.76 21.32
CA ILE A 42 27.41 24.83 22.73
C ILE A 42 28.56 25.09 23.69
N ALA A 43 29.78 24.78 23.25
CA ALA A 43 31.00 24.85 24.05
C ALA A 43 31.32 26.25 24.55
N PRO A 44 31.19 27.28 23.68
CA PRO A 44 31.41 28.64 24.18
C PRO A 44 30.52 28.96 25.39
N TYR A 45 29.45 28.18 25.59
CA TYR A 45 28.50 28.34 26.72
C TYR A 45 28.63 27.34 27.91
N HIS A 46 29.68 26.52 27.90
N HIS A 46 29.69 26.52 27.92
CA HIS A 46 29.82 25.46 28.90
CA HIS A 46 29.79 25.45 28.92
C HIS A 46 29.55 25.99 30.32
C HIS A 46 29.74 25.91 30.38
N ASP A 47 30.07 27.18 30.65
CA ASP A 47 29.89 27.78 32.01
C ASP A 47 28.46 28.22 32.41
N ASN A 48 27.52 28.34 31.48
CA ASN A 48 26.14 28.50 31.96
C ASN A 48 25.34 27.16 32.10
N PHE A 49 26.05 26.03 32.11
CA PHE A 49 25.39 24.71 32.24
C PHE A 49 24.97 24.13 33.62
N HIS A 50 24.02 23.17 33.50
CA HIS A 50 23.09 22.66 34.55
C HIS A 50 23.78 22.28 35.82
N GLN A 51 23.09 22.57 36.91
CA GLN A 51 23.48 22.21 38.24
C GLN A 51 24.36 20.91 38.27
N GLN A 52 23.80 19.83 37.71
CA GLN A 52 24.50 18.58 37.32
C GLN A 52 23.57 17.96 36.24
N PRO A 53 24.13 17.65 35.04
CA PRO A 53 23.30 17.22 33.89
C PRO A 53 22.68 15.84 34.19
N ARG A 54 21.38 15.74 33.97
CA ARG A 54 20.59 14.56 34.27
C ARG A 54 20.68 13.64 33.07
N TYR A 55 20.85 12.35 33.34
CA TYR A 55 20.87 11.34 32.30
C TYR A 55 19.52 10.62 32.17
N ILE A 56 19.00 10.50 30.93
CA ILE A 56 17.79 9.71 30.60
C ILE A 56 18.19 8.67 29.53
N PRO A 57 17.85 7.36 29.74
CA PRO A 57 18.30 6.39 28.72
C PRO A 57 17.52 6.60 27.40
N LEU A 58 18.05 6.13 26.28
CA LEU A 58 17.26 6.10 25.03
C LEU A 58 16.35 4.85 25.02
N SER A 59 15.22 4.96 24.32
CA SER A 59 14.28 3.85 24.07
C SER A 59 14.98 2.72 23.33
N GLN A 60 16.02 3.04 22.57
CA GLN A 60 16.85 2.06 21.87
C GLN A 60 18.22 2.66 21.50
N PRO A 61 19.30 1.85 21.55
CA PRO A 61 20.59 2.35 21.05
C PRO A 61 20.53 3.14 19.72
N MET A 62 21.26 4.25 19.66
CA MET A 62 21.40 5.02 18.42
C MET A 62 22.84 5.42 18.20
N PRO A 63 23.67 4.47 17.77
CA PRO A 63 25.09 4.75 17.71
C PRO A 63 25.49 5.88 16.76
N LEU A 64 24.75 6.10 15.68
CA LEU A 64 25.03 7.24 14.79
C LEU A 64 25.03 8.58 15.56
N LEU A 65 24.16 8.68 16.58
CA LEU A 65 23.96 9.92 17.35
C LEU A 65 24.90 10.07 18.57
N ALA A 66 25.83 9.13 18.73
CA ALA A 66 26.81 9.21 19.79
C ALA A 66 27.41 10.61 19.80
N ASN A 67 27.50 11.24 21.00
CA ASN A 67 28.18 12.55 21.24
C ASN A 67 27.56 13.78 20.57
N THR A 68 26.32 13.63 20.13
CA THR A 68 25.61 14.69 19.40
C THR A 68 24.70 15.48 20.32
N PRO A 69 24.90 16.84 20.34
CA PRO A 69 23.98 17.73 21.04
C PRO A 69 22.88 18.21 20.14
N PHE A 70 21.75 18.43 20.79
CA PHE A 70 20.60 18.93 20.17
C PHE A 70 20.04 20.00 21.10
N ILE A 71 19.31 20.92 20.49
CA ILE A 71 18.36 21.65 21.34
C ILE A 71 16.95 21.20 20.94
N VAL A 72 16.07 21.06 21.94
CA VAL A 72 14.86 20.32 21.77
C VAL A 72 13.75 20.99 22.56
N THR A 73 12.48 20.89 22.12
CA THR A 73 11.33 21.36 22.93
C THR A 73 11.04 20.31 24.01
N GLY A 74 10.47 20.75 25.14
CA GLY A 74 10.14 19.85 26.29
C GLY A 74 8.77 19.25 26.21
N SER A 75 8.60 18.10 26.85
CA SER A 75 7.36 17.39 26.84
C SER A 75 6.32 18.24 27.57
N GLY A 76 5.14 18.47 26.99
CA GLY A 76 4.05 19.12 27.71
C GLY A 76 4.17 20.63 27.59
N LYS A 77 5.26 21.07 27.00
CA LYS A 77 5.55 22.51 26.96
C LYS A 77 4.86 23.17 25.77
N PHE A 78 4.45 24.43 25.88
CA PHE A 78 3.71 25.06 24.81
C PHE A 78 4.66 25.87 23.94
N PHE A 79 4.63 25.69 22.60
CA PHE A 79 5.29 26.60 21.68
C PHE A 79 5.11 28.10 22.01
N ARG A 80 3.90 28.49 22.40
CA ARG A 80 3.64 29.87 22.78
C ARG A 80 4.53 30.46 23.85
N ASN A 81 4.96 29.63 24.79
CA ASN A 81 5.66 30.06 25.96
C ASN A 81 7.16 30.09 25.75
N VAL A 82 7.64 29.47 24.68
CA VAL A 82 9.11 29.46 24.47
C VAL A 82 9.76 30.85 24.46
N GLN A 83 9.12 31.83 23.79
CA GLN A 83 9.66 33.17 23.74
C GLN A 83 9.67 33.76 25.13
N LEU A 84 8.85 33.21 26.03
CA LEU A 84 8.65 33.83 27.32
C LEU A 84 9.65 33.31 28.33
N ASP A 85 9.96 32.03 28.22
CA ASP A 85 10.93 31.40 29.14
C ASP A 85 11.62 30.30 28.37
N PRO A 86 12.63 30.63 27.53
CA PRO A 86 13.18 29.51 26.78
C PRO A 86 13.82 28.39 27.57
N MET A 87 14.43 28.71 28.72
CA MET A 87 15.12 27.75 29.55
C MET A 87 14.16 26.82 30.26
N ALA A 88 12.92 27.23 30.51
CA ALA A 88 11.92 26.33 31.07
C ALA A 88 11.40 25.35 30.04
N ASN A 89 11.34 25.81 28.80
CA ASN A 89 10.57 25.14 27.71
C ASN A 89 11.44 24.47 26.67
N LEU A 90 12.72 24.84 26.68
CA LEU A 90 13.71 24.15 25.80
C LEU A 90 14.73 23.44 26.68
N GLY A 91 15.45 22.54 26.08
CA GLY A 91 16.57 21.93 26.79
C GLY A 91 17.66 21.70 25.78
N ILE A 92 18.91 21.83 26.20
CA ILE A 92 20.07 21.41 25.38
C ILE A 92 20.46 20.03 25.89
N VAL A 93 20.41 19.02 25.01
CA VAL A 93 20.76 17.62 25.39
C VAL A 93 21.98 17.14 24.60
N LYS A 94 22.69 16.17 25.14
CA LYS A 94 23.82 15.65 24.38
C LYS A 94 23.87 14.15 24.55
N VAL A 95 23.63 13.42 23.46
CA VAL A 95 23.68 11.96 23.48
C VAL A 95 25.07 11.49 23.89
N ASP A 96 25.12 10.38 24.64
CA ASP A 96 26.35 9.89 25.24
C ASP A 96 27.20 9.09 24.26
N SER A 97 28.35 8.62 24.74
CA SER A 97 29.43 8.16 23.86
C SER A 97 29.15 6.88 23.06
N ASP A 98 28.07 6.20 23.41
CA ASP A 98 27.57 5.13 22.53
C ASP A 98 26.07 5.08 22.40
N GLY A 99 25.47 6.25 22.15
CA GLY A 99 24.10 6.35 21.75
C GLY A 99 23.01 5.68 22.57
N ALA A 100 23.27 5.45 23.85
CA ALA A 100 22.30 4.77 24.73
C ALA A 100 21.42 5.75 25.55
N GLY A 101 21.76 7.05 25.55
CA GLY A 101 21.05 8.01 26.42
C GLY A 101 21.60 9.41 26.20
N TYR A 102 21.12 10.37 26.99
CA TYR A 102 21.67 11.72 26.85
C TYR A 102 21.68 12.38 28.23
N HIS A 103 22.57 13.37 28.40
CA HIS A 103 22.51 14.25 29.54
C HIS A 103 21.79 15.53 29.15
N ILE A 104 20.93 16.03 30.03
CA ILE A 104 20.23 17.31 29.81
C ILE A 104 21.19 18.34 30.40
N LEU A 105 21.80 19.14 29.52
CA LEU A 105 22.88 20.01 29.88
C LEU A 105 22.40 21.34 30.31
N TRP A 106 21.31 21.81 29.73
CA TRP A 106 20.76 23.13 30.00
C TRP A 106 19.27 23.08 29.84
N GLY A 107 18.56 23.94 30.58
CA GLY A 107 17.11 24.11 30.43
C GLY A 107 16.23 23.00 30.98
N LEU A 108 14.99 22.92 30.49
CA LEU A 108 14.07 21.90 31.04
C LEU A 108 14.01 21.97 32.58
N PHE A 109 13.99 23.19 33.06
CA PHE A 109 13.92 23.52 34.46
C PHE A 109 12.78 22.71 35.12
N ASN A 110 12.95 22.36 36.39
CA ASN A 110 11.85 21.79 37.20
C ASN A 110 11.48 20.38 36.75
N GLU A 111 12.50 19.61 36.39
CA GLU A 111 12.38 18.25 35.98
C GLU A 111 11.53 18.01 34.73
N ALA A 112 11.46 19.02 33.83
CA ALA A 112 10.91 18.79 32.50
C ALA A 112 11.79 17.76 31.74
N VAL A 113 11.26 17.16 30.68
CA VAL A 113 12.09 16.30 29.86
C VAL A 113 11.85 16.67 28.39
N PRO A 114 12.74 16.24 27.48
CA PRO A 114 12.56 16.35 26.05
C PRO A 114 11.21 15.85 25.60
N THR A 115 10.69 16.43 24.49
CA THR A 115 9.47 15.93 23.84
C THR A 115 9.17 14.43 23.87
N SER A 116 7.88 14.13 24.09
CA SER A 116 7.42 12.73 24.11
C SER A 116 7.48 12.11 22.69
N GLU A 117 7.73 12.92 21.66
CA GLU A 117 7.97 12.37 20.32
C GLU A 117 9.45 12.20 20.04
N LEU A 118 10.29 12.25 21.05
CA LEU A 118 11.73 12.03 20.85
C LEU A 118 12.13 10.78 20.06
N PRO A 119 11.41 9.62 20.20
CA PRO A 119 11.75 8.50 19.29
C PRO A 119 11.62 8.89 17.82
N ALA A 120 10.47 9.45 17.40
CA ALA A 120 10.27 10.02 16.01
C ALA A 120 11.39 10.96 15.56
N HIS A 121 11.73 11.91 16.42
CA HIS A 121 12.78 12.94 16.16
C HIS A 121 14.11 12.33 15.90
N PHE A 122 14.62 11.61 16.92
CA PHE A 122 16.02 11.09 16.90
C PHE A 122 16.22 10.05 15.84
N LEU A 123 15.28 9.11 15.70
CA LEU A 123 15.31 8.12 14.60
C LEU A 123 15.28 8.79 13.20
N SER A 124 14.49 9.83 13.03
CA SER A 124 14.36 10.59 11.77
C SER A 124 15.64 11.40 11.55
N HIS A 125 16.18 12.05 12.59
CA HIS A 125 17.57 12.59 12.51
C HIS A 125 18.54 11.61 11.99
N CYS A 126 18.43 10.37 12.44
CA CYS A 126 19.40 9.34 12.07
CA CYS A 126 19.42 9.38 12.06
C CYS A 126 19.34 9.07 10.56
N GLU A 127 18.12 8.95 10.04
CA GLU A 127 17.86 8.64 8.61
C GLU A 127 18.10 9.81 7.69
N ARG A 128 17.77 10.99 8.18
CA ARG A 128 18.02 12.22 7.42
C ARG A 128 19.50 12.54 7.30
N ILE A 129 20.27 12.12 8.29
CA ILE A 129 21.74 12.33 8.27
C ILE A 129 22.31 11.43 7.19
N LYS A 130 21.84 10.18 7.14
CA LYS A 130 22.39 9.22 6.16
C LYS A 130 21.87 9.63 4.80
N ALA A 131 20.58 9.99 4.69
CA ALA A 131 19.96 10.30 3.42
C ALA A 131 20.44 11.59 2.77
N THR A 132 21.01 12.53 3.57
CA THR A 132 21.44 13.83 3.04
C THR A 132 22.90 14.10 3.31
N ASN A 133 23.62 13.04 3.64
CA ASN A 133 25.03 13.12 3.94
C ASN A 133 25.26 14.16 4.99
N GLY A 134 24.36 14.21 5.98
CA GLY A 134 24.58 15.06 7.15
C GLY A 134 24.15 16.50 7.06
N LYS A 135 23.42 16.87 6.01
CA LYS A 135 23.06 18.26 5.74
C LYS A 135 21.83 18.68 6.58
N ASP A 136 20.92 17.76 6.76
CA ASP A 136 19.71 18.08 7.55
C ASP A 136 20.10 18.07 9.05
N ARG A 137 19.45 18.98 9.78
CA ARG A 137 19.82 19.31 11.13
C ARG A 137 18.60 19.45 11.97
N VAL A 138 17.43 19.51 11.32
CA VAL A 138 16.16 19.81 11.97
C VAL A 138 15.08 18.77 11.70
N ILE A 139 14.34 18.44 12.76
CA ILE A 139 13.11 17.72 12.57
C ILE A 139 12.05 18.50 13.28
N MET A 140 10.98 18.76 12.53
CA MET A 140 9.94 19.64 13.03
C MET A 140 8.58 18.99 12.87
N HIS A 141 7.79 18.95 13.92
CA HIS A 141 6.47 18.38 13.89
C HIS A 141 5.51 19.45 14.36
N CYS A 142 4.47 19.67 13.55
CA CYS A 142 3.41 20.60 13.98
CA CYS A 142 3.43 20.70 13.79
C CYS A 142 2.06 20.15 13.52
N HIS A 143 1.01 20.66 14.16
CA HIS A 143 -0.30 20.25 13.77
C HIS A 143 -0.85 21.21 12.68
N ALA A 144 -0.31 21.09 11.48
CA ALA A 144 -0.61 22.04 10.38
C ALA A 144 -2.03 21.82 9.94
N THR A 145 -2.91 22.78 10.22
CA THR A 145 -4.35 22.62 10.21
C THR A 145 -4.89 22.08 8.87
N ASN A 146 -4.52 22.70 7.76
CA ASN A 146 -5.14 22.29 6.52
C ASN A 146 -4.64 20.95 6.05
N LEU A 147 -3.39 20.64 6.30
CA LEU A 147 -2.91 19.36 5.94
C LEU A 147 -3.61 18.30 6.78
N ILE A 148 -3.83 18.58 8.04
CA ILE A 148 -4.50 17.58 8.86
C ILE A 148 -5.92 17.37 8.21
N ALA A 149 -6.57 18.46 7.84
CA ALA A 149 -7.98 18.44 7.32
C ALA A 149 -8.01 17.64 6.11
N LEU A 150 -7.01 17.80 5.28
CA LEU A 150 -6.98 17.07 4.00
C LEU A 150 -6.85 15.56 4.20
N THR A 151 -6.32 15.17 5.35
CA THR A 151 -6.13 13.71 5.58
C THR A 151 -7.42 12.96 5.81
N TYR A 152 -8.54 13.69 6.02
CA TYR A 152 -9.86 13.11 6.23
C TYR A 152 -10.55 13.01 4.88
N VAL A 153 -9.95 13.58 3.86
CA VAL A 153 -10.68 13.85 2.67
C VAL A 153 -9.95 13.30 1.44
N LEU A 154 -8.63 13.37 1.43
CA LEU A 154 -7.88 12.90 0.26
C LEU A 154 -7.53 11.49 0.50
N GLU A 155 -7.42 10.74 -0.60
CA GLU A 155 -7.01 9.37 -0.49
C GLU A 155 -5.66 9.35 0.23
N ASN A 156 -5.56 8.61 1.33
CA ASN A 156 -4.29 8.61 1.99
C ASN A 156 -3.38 7.59 1.32
N ASP A 157 -2.84 8.08 0.19
CA ASP A 157 -1.98 7.41 -0.77
C ASP A 157 -0.88 8.43 -1.01
N THR A 158 0.36 8.14 -0.62
CA THR A 158 1.49 9.06 -0.86
C THR A 158 1.47 9.80 -2.19
N ALA A 159 1.13 9.13 -3.29
CA ALA A 159 1.34 9.69 -4.63
C ALA A 159 0.20 10.58 -4.99
N VAL A 160 -1.05 10.23 -4.65
CA VAL A 160 -2.19 11.15 -4.89
C VAL A 160 -2.11 12.40 -4.01
N PHE A 161 -1.67 12.23 -2.76
CA PHE A 161 -1.60 13.37 -1.82
C PHE A 161 -0.47 14.37 -2.16
N THR A 162 0.72 13.84 -2.47
CA THR A 162 1.80 14.56 -3.09
C THR A 162 1.31 15.32 -4.30
N ARG A 163 0.58 14.66 -5.19
CA ARG A 163 0.21 15.27 -6.46
C ARG A 163 -0.73 16.43 -6.24
N GLN A 164 -1.69 16.26 -5.32
CA GLN A 164 -2.59 17.34 -4.97
C GLN A 164 -1.83 18.51 -4.42
N LEU A 165 -0.81 18.25 -3.57
CA LEU A 165 -0.04 19.38 -3.02
C LEU A 165 0.82 20.06 -4.03
N TRP A 166 1.39 19.29 -4.97
CA TRP A 166 2.03 19.94 -6.08
C TRP A 166 1.13 20.85 -6.85
N GLU A 167 -0.08 20.39 -7.13
CA GLU A 167 -1.04 21.23 -7.86
C GLU A 167 -1.45 22.51 -7.20
N GLY A 168 -1.58 22.45 -5.86
CA GLY A 168 -2.15 23.48 -5.03
C GLY A 168 -1.20 24.65 -4.85
N SER A 169 0.06 24.57 -5.35
CA SER A 169 0.87 25.78 -5.40
C SER A 169 1.98 25.42 -6.32
N THR A 170 2.27 26.26 -7.28
CA THR A 170 3.28 25.89 -8.26
C THR A 170 4.65 25.44 -7.78
N GLU A 171 5.18 26.15 -6.77
CA GLU A 171 6.50 25.99 -6.19
CA GLU A 171 6.60 25.85 -6.43
C GLU A 171 6.74 24.69 -5.44
N CYS A 172 5.66 24.01 -5.12
CA CYS A 172 5.64 22.90 -4.13
C CYS A 172 6.55 21.80 -4.65
N LEU A 173 6.34 21.46 -5.90
CA LEU A 173 7.17 20.43 -6.59
C LEU A 173 8.71 20.64 -6.46
N VAL A 174 9.10 21.91 -6.64
CA VAL A 174 10.48 22.40 -6.53
C VAL A 174 10.93 22.29 -5.10
N VAL A 175 10.09 22.67 -4.13
CA VAL A 175 10.43 22.62 -2.72
C VAL A 175 10.44 21.19 -2.22
N PHE A 176 9.46 20.37 -2.62
CA PHE A 176 9.42 18.95 -2.19
C PHE A 176 9.18 17.93 -3.28
N PRO A 177 10.14 17.75 -4.18
CA PRO A 177 10.05 16.90 -5.34
C PRO A 177 9.90 15.42 -4.92
N ASP A 178 10.39 15.08 -3.73
CA ASP A 178 10.30 13.71 -3.19
C ASP A 178 8.92 13.43 -2.62
N GLY A 179 8.10 14.47 -2.51
CA GLY A 179 6.74 14.24 -2.08
C GLY A 179 6.57 14.18 -0.58
N VAL A 180 5.36 13.77 -0.19
CA VAL A 180 5.09 13.56 1.20
C VAL A 180 4.61 12.17 1.52
N GLY A 181 5.38 11.42 2.35
CA GLY A 181 4.95 10.12 2.78
C GLY A 181 3.80 10.09 3.72
N ILE A 182 2.94 9.06 3.68
CA ILE A 182 1.79 9.05 4.60
C ILE A 182 1.89 7.76 5.41
N LEU A 183 1.74 7.84 6.72
CA LEU A 183 1.78 6.68 7.56
C LEU A 183 0.35 6.27 7.76
N PRO A 184 0.10 5.04 8.19
CA PRO A 184 -1.26 4.73 8.70
C PRO A 184 -1.38 5.50 10.00
N TRP A 185 -2.61 5.77 10.50
CA TRP A 185 -2.72 6.37 11.80
C TRP A 185 -1.98 5.42 12.74
N MET A 186 -1.19 5.94 13.67
CA MET A 186 -0.50 5.16 14.67
C MET A 186 -0.63 5.82 16.02
N VAL A 187 -0.55 5.09 17.10
CA VAL A 187 -0.54 5.69 18.41
C VAL A 187 0.74 6.52 18.46
N PRO A 188 0.62 7.81 18.81
CA PRO A 188 1.77 8.66 18.83
C PRO A 188 2.59 8.48 20.16
N GLY A 189 3.88 8.86 20.09
CA GLY A 189 4.73 9.05 21.23
C GLY A 189 5.30 7.69 21.59
N THR A 190 5.38 6.83 20.57
CA THR A 190 5.79 5.44 20.62
C THR A 190 7.01 5.24 19.73
N ASP A 191 7.70 4.15 20.03
CA ASP A 191 8.85 3.72 19.28
C ASP A 191 8.45 3.29 17.88
N ALA A 192 7.27 2.66 17.77
CA ALA A 192 6.77 2.14 16.54
C ALA A 192 6.48 3.31 15.59
N ILE A 193 5.83 4.37 16.08
CA ILE A 193 5.50 5.49 15.19
C ILE A 193 6.74 6.29 14.76
N GLY A 194 7.76 6.31 15.62
CA GLY A 194 9.04 6.93 15.32
C GLY A 194 9.87 6.15 14.30
N GLN A 195 9.83 4.83 14.42
CA GLN A 195 10.46 3.93 13.40
C GLN A 195 9.80 4.09 12.03
N ALA A 196 8.47 4.10 12.03
CA ALA A 196 7.76 4.20 10.81
C ALA A 196 7.98 5.57 10.18
N THR A 197 8.13 6.61 11.01
CA THR A 197 8.31 7.99 10.49
C THR A 197 9.72 8.02 9.87
N ALA A 198 10.73 7.56 10.64
CA ALA A 198 12.14 7.48 10.25
C ALA A 198 12.32 6.72 8.93
N GLN A 199 11.55 5.64 8.77
CA GLN A 199 11.58 4.86 7.51
C GLN A 199 11.09 5.68 6.30
N GLU A 200 9.97 6.41 6.44
CA GLU A 200 9.53 7.26 5.34
C GLU A 200 10.48 8.46 5.13
N MET A 201 11.09 8.98 6.22
CA MET A 201 12.18 10.04 6.14
C MET A 201 13.39 9.66 5.25
N GLN A 202 13.58 8.34 5.06
CA GLN A 202 14.47 7.77 3.99
C GLN A 202 14.12 8.25 2.58
N LYS A 203 12.86 8.59 2.37
CA LYS A 203 12.37 8.76 1.01
C LYS A 203 11.78 10.13 0.78
N HIS A 204 11.39 10.78 1.82
CA HIS A 204 10.64 12.09 1.74
C HIS A 204 11.22 12.93 2.82
N SER A 205 11.17 14.24 2.63
CA SER A 205 11.58 15.22 3.64
C SER A 205 10.33 15.66 4.44
N LEU A 206 9.15 15.16 4.05
CA LEU A 206 7.88 15.38 4.73
C LEU A 206 7.10 14.08 4.96
N VAL A 207 6.49 13.94 6.14
CA VAL A 207 5.76 12.72 6.44
C VAL A 207 4.54 13.13 7.19
N LEU A 208 3.38 12.61 6.78
CA LEU A 208 2.08 12.95 7.34
C LEU A 208 1.70 11.89 8.26
N TRP A 209 1.16 12.29 9.39
CA TRP A 209 0.51 11.49 10.35
C TRP A 209 -0.93 11.87 10.17
N PRO A 210 -1.75 10.97 9.56
CA PRO A 210 -3.13 11.36 9.32
C PRO A 210 -3.87 11.65 10.60
N PHE A 211 -4.69 12.68 10.53
CA PHE A 211 -5.57 13.04 11.64
C PHE A 211 -4.72 13.51 12.83
N HIS A 212 -3.50 13.93 12.49
CA HIS A 212 -2.63 14.42 13.54
C HIS A 212 -1.69 15.57 13.18
N GLY A 213 -0.68 15.28 12.34
CA GLY A 213 0.13 16.40 11.85
C GLY A 213 1.12 16.06 10.75
N VAL A 214 2.17 16.87 10.62
CA VAL A 214 3.22 16.64 9.65
C VAL A 214 4.57 16.72 10.39
N PHE A 215 5.54 16.01 9.84
CA PHE A 215 6.92 15.95 10.27
C PHE A 215 7.66 16.43 9.02
N GLY A 216 8.59 17.37 9.19
CA GLY A 216 9.53 17.80 8.12
C GLY A 216 10.98 17.76 8.59
N SER A 217 11.90 17.71 7.64
CA SER A 217 13.33 17.62 7.90
C SER A 217 14.00 18.65 7.02
N GLY A 218 14.97 19.34 7.60
CA GLY A 218 15.64 20.37 6.85
C GLY A 218 17.02 20.68 7.40
N PRO A 219 17.82 21.42 6.62
CA PRO A 219 19.17 21.77 6.95
C PRO A 219 19.23 22.86 8.02
N THR A 220 18.15 23.61 8.12
CA THR A 220 18.13 24.75 9.08
C THR A 220 16.70 24.92 9.58
N LEU A 221 16.55 25.61 10.70
CA LEU A 221 15.20 25.88 11.17
C LEU A 221 14.30 26.62 10.13
N ASP A 222 14.78 27.69 9.51
CA ASP A 222 13.98 28.38 8.51
C ASP A 222 13.56 27.49 7.36
N GLU A 223 14.52 26.69 6.85
CA GLU A 223 14.27 25.87 5.68
C GLU A 223 13.31 24.74 6.01
N THR A 224 13.43 24.17 7.21
CA THR A 224 12.49 23.16 7.68
C THR A 224 11.05 23.67 7.92
N PHE A 225 10.99 24.82 8.58
CA PHE A 225 9.78 25.59 8.77
C PHE A 225 9.14 25.97 7.46
N GLY A 226 9.94 26.45 6.50
CA GLY A 226 9.43 26.85 5.25
C GLY A 226 8.98 25.68 4.35
N LEU A 227 9.66 24.52 4.42
CA LEU A 227 9.19 23.27 3.87
C LEU A 227 7.75 22.97 4.29
N ILE A 228 7.56 22.84 5.59
CA ILE A 228 6.23 22.72 6.14
C ILE A 228 5.26 23.77 5.68
N ASP A 229 5.60 25.05 5.79
CA ASP A 229 4.71 26.15 5.45
C ASP A 229 4.25 26.09 3.99
N THR A 230 5.12 25.68 3.13
CA THR A 230 4.83 25.47 1.74
C THR A 230 3.83 24.35 1.52
N ALA A 231 3.99 23.21 2.22
CA ALA A 231 3.09 22.11 2.13
C ALA A 231 1.76 22.58 2.65
N GLU A 232 1.79 23.36 3.70
CA GLU A 232 0.52 23.80 4.39
C GLU A 232 -0.21 24.90 3.68
N LYS A 233 0.53 25.77 3.05
CA LYS A 233 -0.04 26.80 2.18
C LYS A 233 -0.83 26.14 1.02
N SER A 234 -0.20 25.18 0.34
CA SER A 234 -0.88 24.43 -0.66
C SER A 234 -2.15 23.78 -0.09
N ALA A 235 -2.04 23.12 1.04
CA ALA A 235 -3.19 22.48 1.64
C ALA A 235 -4.25 23.47 1.86
N GLN A 236 -3.83 24.69 2.10
CA GLN A 236 -4.83 25.69 2.49
C GLN A 236 -5.63 26.16 1.23
N VAL A 237 -4.91 26.39 0.16
CA VAL A 237 -5.53 26.66 -1.17
C VAL A 237 -6.45 25.49 -1.49
N LEU A 238 -6.01 24.24 -1.31
CA LEU A 238 -6.80 23.03 -1.70
C LEU A 238 -8.07 22.93 -0.90
N VAL A 239 -7.96 23.18 0.40
CA VAL A 239 -9.16 23.22 1.27
C VAL A 239 -10.22 24.16 0.70
N LYS A 240 -9.80 25.35 0.29
CA LYS A 240 -10.68 26.35 -0.29
C LYS A 240 -11.23 25.82 -1.58
N VAL A 241 -10.37 25.26 -2.46
CA VAL A 241 -10.82 24.76 -3.77
C VAL A 241 -11.82 23.68 -3.62
N TYR A 242 -11.51 22.65 -2.80
CA TYR A 242 -12.47 21.56 -2.55
C TYR A 242 -13.80 22.04 -1.93
N SER A 243 -13.69 22.99 -1.01
CA SER A 243 -14.83 23.60 -0.35
C SER A 243 -15.66 24.39 -1.35
N MET A 244 -15.05 24.79 -2.45
CA MET A 244 -15.83 25.52 -3.50
C MET A 244 -16.35 24.56 -4.56
N GLY A 245 -16.10 23.27 -4.37
CA GLY A 245 -16.71 22.18 -5.21
C GLY A 245 -15.67 21.50 -6.03
N GLY A 246 -14.42 21.89 -5.87
CA GLY A 246 -13.38 21.20 -6.64
C GLY A 246 -12.74 21.97 -7.78
N MET A 247 -11.62 21.43 -8.25
CA MET A 247 -10.89 21.98 -9.40
CA MET A 247 -10.90 21.97 -9.41
C MET A 247 -11.63 21.83 -10.74
N LYS A 248 -11.70 22.95 -11.47
CA LYS A 248 -12.13 23.03 -12.84
C LYS A 248 -10.90 22.92 -13.76
N GLN A 249 -9.77 23.49 -13.33
CA GLN A 249 -8.50 23.33 -14.03
C GLN A 249 -7.40 23.24 -12.98
N THR A 250 -6.22 22.72 -13.37
CA THR A 250 -5.12 22.63 -12.45
C THR A 250 -3.83 22.53 -13.24
N ILE A 251 -2.69 22.47 -12.53
CA ILE A 251 -1.40 22.18 -13.24
C ILE A 251 -1.35 20.76 -13.81
N SER A 252 -1.04 20.61 -15.12
CA SER A 252 -1.10 19.29 -15.74
C SER A 252 0.18 18.58 -15.45
N ARG A 253 0.20 17.26 -15.69
CA ARG A 253 1.41 16.42 -15.62
C ARG A 253 2.58 17.04 -16.40
N GLU A 254 2.40 17.40 -17.68
CA GLU A 254 3.49 17.96 -18.48
C GLU A 254 4.04 19.22 -17.85
N GLU A 255 3.15 20.04 -17.31
CA GLU A 255 3.58 21.29 -16.71
C GLU A 255 4.42 20.97 -15.46
N LEU A 256 3.92 20.09 -14.60
CA LEU A 256 4.73 19.64 -13.44
C LEU A 256 6.07 19.03 -13.88
N ILE A 257 6.07 18.29 -14.97
CA ILE A 257 7.31 17.74 -15.58
C ILE A 257 8.29 18.81 -16.12
N ALA A 258 7.78 19.82 -16.88
CA ALA A 258 8.61 20.95 -17.37
C ALA A 258 9.16 21.75 -16.18
N LEU A 259 8.39 21.76 -15.12
CA LEU A 259 8.76 22.47 -13.95
C LEU A 259 9.95 21.83 -13.21
N GLY A 260 10.01 20.49 -13.18
CA GLY A 260 10.96 19.86 -12.30
C GLY A 260 12.24 19.85 -13.15
N LYS A 261 12.08 19.82 -14.46
CA LYS A 261 13.24 19.89 -15.41
C LYS A 261 13.95 21.27 -15.35
N ARG A 262 13.22 22.38 -15.47
CA ARG A 262 13.78 23.76 -15.29
C ARG A 262 14.48 23.95 -13.93
N PHE A 263 13.87 23.44 -12.86
CA PHE A 263 14.49 23.58 -11.55
C PHE A 263 15.55 22.55 -11.15
N GLY A 264 15.93 21.67 -12.07
CA GLY A 264 16.94 20.68 -11.83
C GLY A 264 16.57 19.71 -10.74
N VAL A 265 15.25 19.48 -10.58
CA VAL A 265 14.73 18.61 -9.59
C VAL A 265 14.10 17.30 -10.20
N THR A 266 14.24 16.19 -9.48
CA THR A 266 13.73 14.90 -9.93
C THR A 266 12.44 14.56 -9.13
N PRO A 267 11.24 14.81 -9.75
CA PRO A 267 9.96 14.67 -9.05
C PRO A 267 9.51 13.22 -8.81
N LEU A 268 8.90 12.97 -7.65
CA LEU A 268 8.45 11.62 -7.33
C LEU A 268 7.68 11.03 -8.50
N ALA A 269 8.24 9.99 -9.13
CA ALA A 269 7.59 9.34 -10.28
C ALA A 269 6.11 8.95 -10.04
N SER A 270 5.84 8.30 -8.92
CA SER A 270 4.52 7.69 -8.73
C SER A 270 3.41 8.73 -8.66
N ALA A 271 3.80 9.97 -8.36
CA ALA A 271 2.86 11.12 -8.33
C ALA A 271 2.69 11.77 -9.72
N LEU A 272 3.36 11.22 -10.74
CA LEU A 272 3.26 11.80 -12.07
C LEU A 272 2.29 11.08 -13.01
N ALA A 273 1.08 10.83 -12.53
CA ALA A 273 0.02 10.33 -13.39
C ALA A 273 -0.76 11.26 -14.35
N LEU A 274 -1.34 12.44 -14.11
CA LEU A 274 -2.24 12.92 -15.30
C LEU A 274 -2.70 14.36 -15.75
N GLN B 2 11.37 -4.32 3.18
CA GLN B 2 11.63 -5.33 2.12
C GLN B 2 11.06 -4.82 0.77
N ASN B 3 11.62 -5.30 -0.34
CA ASN B 3 11.03 -5.00 -1.63
C ASN B 3 9.61 -5.59 -1.72
N ILE B 4 8.80 -5.03 -2.61
CA ILE B 4 7.46 -5.50 -2.84
C ILE B 4 7.49 -6.95 -3.37
N THR B 5 8.57 -7.28 -4.07
CA THR B 5 8.66 -8.60 -4.63
C THR B 5 8.64 -9.63 -3.47
N GLN B 6 8.96 -9.23 -2.25
CA GLN B 6 9.03 -10.18 -1.10
C GLN B 6 7.71 -10.16 -0.29
N SER B 7 6.75 -9.36 -0.73
CA SER B 7 5.47 -9.23 -0.09
C SER B 7 4.61 -10.48 -0.17
N TRP B 8 3.64 -10.64 0.72
CA TRP B 8 2.89 -11.90 0.69
C TRP B 8 2.18 -12.17 -0.66
N PHE B 9 1.70 -11.06 -1.27
CA PHE B 9 0.87 -11.12 -2.50
C PHE B 9 1.69 -11.29 -3.75
N VAL B 10 2.90 -10.73 -3.80
CA VAL B 10 3.73 -11.00 -5.01
C VAL B 10 4.24 -12.44 -4.92
N GLN B 11 4.73 -12.81 -3.75
CA GLN B 11 5.17 -14.19 -3.50
C GLN B 11 4.01 -15.21 -3.73
N GLY B 12 2.82 -14.86 -3.26
CA GLY B 12 1.62 -15.71 -3.53
C GLY B 12 1.34 -15.88 -5.02
N MET B 13 1.34 -14.79 -5.77
CA MET B 13 1.23 -14.93 -7.22
C MET B 13 2.28 -15.80 -7.86
N ILE B 14 3.52 -15.74 -7.34
CA ILE B 14 4.63 -16.52 -7.97
C ILE B 14 4.26 -17.93 -7.66
N LYS B 15 3.75 -18.15 -6.46
CA LYS B 15 3.53 -19.53 -6.02
C LYS B 15 2.49 -20.21 -6.86
N ALA B 16 1.36 -19.54 -7.00
CA ALA B 16 0.18 -19.98 -7.72
C ALA B 16 0.44 -20.17 -9.19
N THR B 17 1.13 -19.23 -9.75
CA THR B 17 1.35 -19.35 -11.17
C THR B 17 2.41 -20.40 -11.47
N THR B 18 3.45 -20.43 -10.64
CA THR B 18 4.45 -21.49 -10.81
C THR B 18 3.80 -22.90 -10.59
N ASP B 19 2.98 -23.05 -9.54
CA ASP B 19 2.35 -24.32 -9.33
C ASP B 19 1.49 -24.72 -10.55
N ALA B 20 0.77 -23.78 -11.13
CA ALA B 20 -0.08 -24.04 -12.32
C ALA B 20 0.73 -24.45 -13.49
N TRP B 21 1.84 -23.77 -13.69
CA TRP B 21 2.75 -24.11 -14.80
C TRP B 21 3.22 -25.49 -14.54
N LEU B 22 3.51 -25.80 -13.29
CA LEU B 22 4.06 -27.10 -13.07
C LEU B 22 3.02 -28.21 -13.29
N LYS B 23 1.73 -27.91 -13.15
CA LYS B 23 0.66 -28.90 -13.40
C LYS B 23 0.49 -29.18 -14.89
N GLY B 24 1.05 -28.32 -15.73
CA GLY B 24 0.85 -28.53 -17.13
C GLY B 24 -0.32 -27.68 -17.64
N TRP B 25 -0.82 -26.74 -16.81
CA TRP B 25 -2.06 -26.02 -17.11
C TRP B 25 -1.81 -24.75 -17.88
N ASP B 26 -0.56 -24.33 -18.01
CA ASP B 26 -0.41 -23.02 -18.52
C ASP B 26 0.72 -22.97 -19.51
N GLU B 27 0.63 -23.74 -20.59
CA GLU B 27 1.47 -23.66 -21.81
C GLU B 27 1.53 -22.21 -22.27
N ARG B 28 2.69 -21.78 -22.81
CA ARG B 28 2.88 -20.45 -23.34
C ARG B 28 2.28 -19.37 -22.41
N ASN B 29 1.42 -18.49 -22.93
CA ASN B 29 0.77 -17.55 -22.04
C ASN B 29 -0.61 -17.96 -21.54
N GLY B 30 -0.96 -19.24 -21.71
CA GLY B 30 -2.24 -19.81 -21.35
C GLY B 30 -2.66 -19.61 -19.91
N GLY B 31 -3.84 -19.08 -19.67
CA GLY B 31 -4.28 -18.91 -18.28
C GLY B 31 -3.94 -17.55 -17.80
N ASN B 32 -4.64 -17.12 -16.76
CA ASN B 32 -4.38 -15.82 -16.20
C ASN B 32 -4.88 -15.74 -14.82
N LEU B 33 -4.47 -14.77 -14.03
CA LEU B 33 -4.82 -14.80 -12.60
C LEU B 33 -4.89 -13.38 -12.09
N THR B 34 -5.97 -13.03 -11.41
CA THR B 34 -5.96 -11.73 -10.78
C THR B 34 -6.34 -11.89 -9.30
N LEU B 35 -5.78 -11.03 -8.41
CA LEU B 35 -6.04 -11.19 -6.99
C LEU B 35 -6.48 -9.83 -6.50
N ARG B 36 -7.65 -9.73 -5.85
CA ARG B 36 -8.07 -8.47 -5.25
C ARG B 36 -7.31 -8.11 -3.96
N LEU B 37 -6.69 -6.92 -3.92
CA LEU B 37 -5.97 -6.55 -2.71
C LEU B 37 -6.77 -5.56 -1.84
N ASP B 38 -6.16 -5.16 -0.72
CA ASP B 38 -6.68 -4.04 0.12
C ASP B 38 -5.68 -2.93 -0.04
N ASP B 39 -6.04 -1.71 0.28
CA ASP B 39 -5.11 -0.62 0.28
C ASP B 39 -3.97 -0.85 1.23
N ALA B 40 -4.29 -1.39 2.40
CA ALA B 40 -3.34 -1.82 3.43
C ALA B 40 -2.25 -2.77 2.96
N ASP B 41 -2.51 -3.56 1.91
CA ASP B 41 -1.50 -4.43 1.38
C ASP B 41 -0.42 -3.69 0.63
N ILE B 42 -0.77 -2.70 -0.13
CA ILE B 42 0.20 -2.14 -1.09
C ILE B 42 0.80 -0.79 -0.60
N ALA B 43 0.05 -0.10 0.26
CA ALA B 43 0.49 1.12 0.84
C ALA B 43 1.90 1.05 1.48
N PRO B 44 2.22 0.02 2.32
CA PRO B 44 3.54 0.03 2.90
C PRO B 44 4.64 -0.01 1.86
N TYR B 45 4.31 -0.35 0.62
CA TYR B 45 5.30 -0.48 -0.47
C TYR B 45 5.27 0.65 -1.50
N HIS B 46 4.51 1.70 -1.24
CA HIS B 46 4.49 2.79 -2.19
C HIS B 46 5.86 3.33 -2.73
N ASP B 47 6.88 3.36 -1.88
CA ASP B 47 8.15 3.89 -2.38
C ASP B 47 8.86 2.97 -3.36
N ASN B 48 8.33 1.76 -3.57
CA ASN B 48 8.90 1.07 -4.75
C ASN B 48 8.05 1.09 -6.02
N PHE B 49 7.06 2.01 -6.08
CA PHE B 49 6.35 2.30 -7.32
C PHE B 49 7.23 3.34 -8.07
N HIS B 50 8.43 2.98 -8.55
CA HIS B 50 9.40 3.96 -9.15
C HIS B 50 9.04 4.58 -10.50
N GLN B 51 7.90 4.22 -11.09
CA GLN B 51 7.49 4.99 -12.26
C GLN B 51 6.04 5.48 -12.32
N GLN B 52 5.76 6.21 -13.42
CA GLN B 52 4.52 6.97 -13.67
CA GLN B 52 4.51 6.96 -13.57
C GLN B 52 3.30 6.07 -13.88
N PRO B 53 2.22 6.17 -13.03
CA PRO B 53 1.18 5.18 -13.25
C PRO B 53 0.33 5.43 -14.51
N ARG B 54 0.24 4.41 -15.36
CA ARG B 54 -0.40 4.49 -16.64
C ARG B 54 -1.88 4.15 -16.48
N TYR B 55 -2.72 4.92 -17.15
CA TYR B 55 -4.16 4.71 -17.09
C TYR B 55 -4.62 3.99 -18.37
N ILE B 56 -5.45 2.94 -18.19
CA ILE B 56 -6.13 2.26 -19.30
C ILE B 56 -7.63 2.26 -18.98
N PRO B 57 -8.49 2.59 -19.98
CA PRO B 57 -9.90 2.61 -19.63
C PRO B 57 -10.49 1.21 -19.52
N LEU B 58 -11.57 1.05 -18.74
CA LEU B 58 -12.27 -0.24 -18.73
C LEU B 58 -13.14 -0.40 -19.98
N SER B 59 -13.30 -1.65 -20.42
CA SER B 59 -14.27 -2.02 -21.47
C SER B 59 -15.69 -1.51 -21.15
N GLN B 60 -16.02 -1.44 -19.86
CA GLN B 60 -17.29 -0.90 -19.37
C GLN B 60 -17.17 -0.48 -17.91
N PRO B 61 -17.87 0.60 -17.50
CA PRO B 61 -17.99 0.98 -16.08
C PRO B 61 -18.23 -0.19 -15.11
N MET B 62 -17.40 -0.28 -14.08
CA MET B 62 -17.59 -1.25 -13.00
C MET B 62 -17.54 -0.53 -11.66
N PRO B 63 -18.66 0.13 -11.27
CA PRO B 63 -18.65 0.95 -10.06
C PRO B 63 -18.39 0.21 -8.72
N LEU B 64 -18.79 -1.04 -8.61
CA LEU B 64 -18.46 -1.90 -7.44
C LEU B 64 -16.97 -2.00 -7.21
N LEU B 65 -16.19 -1.89 -8.29
CA LEU B 65 -14.72 -2.01 -8.23
C LEU B 65 -13.95 -0.68 -8.03
N ALA B 66 -14.68 0.42 -7.90
CA ALA B 66 -14.09 1.74 -7.59
C ALA B 66 -13.07 1.65 -6.47
N ASN B 67 -11.86 2.19 -6.72
CA ASN B 67 -10.75 2.32 -5.72
C ASN B 67 -10.02 1.03 -5.33
N THR B 68 -10.26 -0.04 -6.10
CA THR B 68 -9.87 -1.41 -5.69
C THR B 68 -8.57 -1.77 -6.39
N PRO B 69 -7.52 -2.18 -5.59
CA PRO B 69 -6.31 -2.66 -6.16
C PRO B 69 -6.34 -4.17 -6.38
N PHE B 70 -5.59 -4.60 -7.38
CA PHE B 70 -5.50 -6.01 -7.73
C PHE B 70 -4.04 -6.28 -8.10
N ILE B 71 -3.60 -7.52 -7.91
CA ILE B 71 -2.35 -7.88 -8.59
C ILE B 71 -2.75 -8.84 -9.66
N VAL B 72 -2.18 -8.70 -10.87
CA VAL B 72 -2.72 -9.38 -12.05
C VAL B 72 -1.55 -9.89 -12.91
N THR B 73 -1.78 -10.96 -13.71
CA THR B 73 -0.79 -11.42 -14.66
C THR B 73 -0.92 -10.58 -15.90
N GLY B 74 0.16 -10.46 -16.67
CA GLY B 74 0.19 -9.57 -17.81
C GLY B 74 -0.23 -10.28 -19.13
N SER B 75 -0.86 -9.57 -20.06
CA SER B 75 -1.17 -10.19 -21.33
C SER B 75 0.12 -10.78 -22.05
N GLY B 76 0.02 -12.02 -22.53
CA GLY B 76 1.08 -12.60 -23.39
C GLY B 76 2.23 -13.08 -22.48
N LYS B 77 2.06 -12.87 -21.17
CA LYS B 77 3.10 -13.32 -20.20
C LYS B 77 2.91 -14.77 -19.85
N PHE B 78 4.04 -15.46 -19.61
CA PHE B 78 4.07 -16.86 -19.31
C PHE B 78 4.11 -17.08 -17.79
N PHE B 79 3.20 -17.90 -17.26
CA PHE B 79 3.18 -18.32 -15.84
C PHE B 79 4.57 -18.80 -15.50
N ARG B 80 5.24 -19.48 -16.43
CA ARG B 80 6.59 -20.00 -16.12
C ARG B 80 7.62 -18.96 -15.68
N ASN B 81 7.48 -17.74 -16.23
CA ASN B 81 8.43 -16.70 -16.06
C ASN B 81 8.17 -15.88 -14.87
N VAL B 82 6.94 -15.96 -14.34
CA VAL B 82 6.65 -15.19 -13.13
C VAL B 82 7.68 -15.31 -12.00
N GLN B 83 8.09 -16.52 -11.64
CA GLN B 83 9.16 -16.73 -10.60
C GLN B 83 10.45 -16.08 -10.97
N LEU B 84 10.68 -15.91 -12.26
CA LEU B 84 11.94 -15.37 -12.71
C LEU B 84 12.02 -13.89 -12.64
N ASP B 85 10.88 -13.21 -12.83
CA ASP B 85 10.87 -11.77 -13.02
C ASP B 85 9.44 -11.35 -12.71
N PRO B 86 9.06 -11.30 -11.39
CA PRO B 86 7.66 -10.96 -11.14
C PRO B 86 7.30 -9.60 -11.66
N MET B 87 8.30 -8.70 -11.77
CA MET B 87 7.92 -7.32 -12.15
C MET B 87 7.64 -7.16 -13.63
N ALA B 88 8.30 -7.97 -14.42
CA ALA B 88 8.07 -7.87 -15.86
C ALA B 88 6.71 -8.47 -16.15
N ASN B 89 6.29 -9.48 -15.35
CA ASN B 89 5.17 -10.37 -15.74
C ASN B 89 3.88 -10.20 -14.94
N LEU B 90 3.98 -9.59 -13.78
CA LEU B 90 2.84 -9.14 -12.97
C LEU B 90 2.75 -7.64 -12.93
N GLY B 91 1.61 -7.16 -12.50
CA GLY B 91 1.34 -5.70 -12.47
C GLY B 91 0.40 -5.49 -11.28
N ILE B 92 0.65 -4.43 -10.49
CA ILE B 92 -0.33 -4.00 -9.45
C ILE B 92 -1.20 -2.94 -10.11
N VAL B 93 -2.53 -3.13 -10.17
CA VAL B 93 -3.44 -2.12 -10.77
C VAL B 93 -4.44 -1.63 -9.72
N LYS B 94 -4.98 -0.43 -9.89
CA LYS B 94 -6.00 0.04 -8.99
C LYS B 94 -7.07 0.72 -9.80
N VAL B 95 -8.32 0.31 -9.60
CA VAL B 95 -9.40 0.84 -10.42
C VAL B 95 -9.65 2.22 -9.86
N ASP B 96 -10.03 3.15 -10.74
CA ASP B 96 -10.16 4.55 -10.39
C ASP B 96 -11.47 4.78 -9.66
N SER B 97 -11.74 6.04 -9.30
CA SER B 97 -12.76 6.37 -8.31
C SER B 97 -14.22 6.19 -8.74
N ASP B 98 -14.41 5.96 -10.04
CA ASP B 98 -15.74 5.56 -10.51
C ASP B 98 -15.73 4.40 -11.52
N GLY B 99 -14.90 3.40 -11.20
CA GLY B 99 -14.76 2.17 -11.98
C GLY B 99 -14.77 2.29 -13.49
N ALA B 100 -14.11 3.30 -14.04
CA ALA B 100 -14.09 3.43 -15.50
C ALA B 100 -12.74 3.07 -16.11
N GLY B 101 -11.72 2.92 -15.28
CA GLY B 101 -10.38 2.51 -15.75
C GLY B 101 -9.46 2.20 -14.57
N TYR B 102 -8.18 1.99 -14.84
CA TYR B 102 -7.30 1.69 -13.73
C TYR B 102 -5.97 2.25 -14.08
N HIS B 103 -5.17 2.51 -13.03
CA HIS B 103 -3.78 2.89 -13.15
C HIS B 103 -2.96 1.65 -12.87
N ILE B 104 -1.93 1.41 -13.71
CA ILE B 104 -0.90 0.41 -13.45
C ILE B 104 0.12 1.10 -12.55
N LEU B 105 0.16 0.68 -11.28
CA LEU B 105 1.01 1.29 -10.29
C LEU B 105 2.43 0.75 -10.30
N TRP B 106 2.55 -0.54 -10.63
CA TRP B 106 3.81 -1.30 -10.47
C TRP B 106 3.83 -2.42 -11.43
N GLY B 107 5.02 -2.74 -11.98
CA GLY B 107 5.11 -4.00 -12.76
C GLY B 107 4.74 -3.84 -14.20
N LEU B 108 4.62 -4.95 -14.92
CA LEU B 108 4.25 -4.87 -16.33
C LEU B 108 5.18 -3.90 -17.03
N PHE B 109 6.45 -4.06 -16.69
CA PHE B 109 7.54 -3.32 -17.31
C PHE B 109 7.45 -3.35 -18.85
N ASN B 110 7.92 -2.28 -19.51
CA ASN B 110 8.10 -2.30 -20.98
C ASN B 110 6.78 -2.26 -21.71
N GLU B 111 5.86 -1.48 -21.14
CA GLU B 111 4.52 -1.31 -21.72
C GLU B 111 3.65 -2.60 -21.82
N ALA B 112 3.87 -3.59 -20.96
CA ALA B 112 2.96 -4.71 -20.87
C ALA B 112 1.64 -4.22 -20.24
N VAL B 113 0.60 -5.03 -20.32
CA VAL B 113 -0.73 -4.61 -19.82
C VAL B 113 -1.28 -5.84 -19.14
N PRO B 114 -2.26 -5.65 -18.24
CA PRO B 114 -2.96 -6.79 -17.65
C PRO B 114 -3.50 -7.80 -18.69
N THR B 115 -3.64 -9.05 -18.27
CA THR B 115 -4.35 -10.05 -19.02
C THR B 115 -5.48 -9.60 -19.98
N SER B 116 -5.50 -10.26 -21.13
CA SER B 116 -6.54 -9.98 -22.14
C SER B 116 -7.89 -10.56 -21.71
N GLU B 117 -7.90 -11.38 -20.68
CA GLU B 117 -9.13 -11.85 -20.05
C GLU B 117 -9.57 -10.97 -18.90
N LEU B 118 -9.06 -9.76 -18.85
CA LEU B 118 -9.43 -8.88 -17.78
C LEU B 118 -10.98 -8.67 -17.69
N PRO B 119 -11.71 -8.63 -18.85
CA PRO B 119 -13.17 -8.53 -18.66
C PRO B 119 -13.79 -9.69 -17.85
N ALA B 120 -13.54 -10.96 -18.23
CA ALA B 120 -13.94 -12.11 -17.43
C ALA B 120 -13.52 -11.99 -15.95
N HIS B 121 -12.30 -11.48 -15.69
CA HIS B 121 -11.75 -11.39 -14.32
C HIS B 121 -12.49 -10.36 -13.50
N PHE B 122 -12.52 -9.13 -14.01
CA PHE B 122 -13.18 -8.05 -13.25
C PHE B 122 -14.68 -8.22 -13.08
N LEU B 123 -15.37 -8.67 -14.13
CA LEU B 123 -16.78 -8.93 -14.03
C LEU B 123 -17.09 -10.09 -13.06
N SER B 124 -16.25 -11.12 -13.05
CA SER B 124 -16.41 -12.24 -12.13
C SER B 124 -16.11 -11.85 -10.67
N HIS B 125 -15.04 -11.06 -10.45
CA HIS B 125 -14.79 -10.46 -9.14
C HIS B 125 -16.04 -9.76 -8.60
N CYS B 126 -16.66 -9.01 -9.49
CA CYS B 126 -17.81 -8.22 -9.20
C CYS B 126 -18.94 -9.11 -8.71
N GLU B 127 -19.26 -10.12 -9.51
CA GLU B 127 -20.28 -11.06 -9.15
C GLU B 127 -19.92 -11.92 -7.93
N ARG B 128 -18.65 -12.32 -7.80
CA ARG B 128 -18.23 -13.10 -6.63
C ARG B 128 -18.21 -12.31 -5.29
N ILE B 129 -17.96 -11.01 -5.38
CA ILE B 129 -18.01 -10.13 -4.24
C ILE B 129 -19.46 -9.96 -3.73
N LYS B 130 -20.42 -9.91 -4.63
CA LYS B 130 -21.84 -9.85 -4.22
C LYS B 130 -22.19 -11.24 -3.71
N ALA B 131 -21.85 -12.26 -4.50
CA ALA B 131 -22.26 -13.62 -4.22
C ALA B 131 -21.73 -14.18 -2.92
N THR B 132 -20.63 -13.64 -2.42
CA THR B 132 -20.00 -14.21 -1.21
C THR B 132 -19.79 -13.18 -0.14
N ASN B 133 -20.51 -12.06 -0.26
CA ASN B 133 -20.37 -10.93 0.66
C ASN B 133 -18.91 -10.45 0.83
N GLY B 134 -18.19 -10.43 -0.29
CA GLY B 134 -16.83 -9.92 -0.29
C GLY B 134 -15.72 -10.88 0.12
N LYS B 135 -16.06 -12.14 0.37
CA LYS B 135 -15.08 -13.13 0.82
C LYS B 135 -14.17 -13.54 -0.31
N ASP B 136 -14.70 -13.65 -1.54
CA ASP B 136 -13.84 -14.08 -2.67
C ASP B 136 -12.96 -12.92 -3.11
N ARG B 137 -11.73 -13.25 -3.53
CA ARG B 137 -10.68 -12.31 -3.73
C ARG B 137 -9.89 -12.66 -4.98
N VAL B 138 -10.12 -13.85 -5.56
CA VAL B 138 -9.19 -14.45 -6.60
C VAL B 138 -10.11 -14.96 -7.70
N ILE B 139 -9.78 -14.55 -8.93
CA ILE B 139 -10.26 -15.23 -10.07
C ILE B 139 -9.07 -15.86 -10.77
N MET B 140 -9.12 -17.18 -11.03
CA MET B 140 -7.97 -17.85 -11.64
C MET B 140 -8.46 -18.58 -12.86
N HIS B 141 -7.73 -18.48 -13.98
CA HIS B 141 -8.12 -19.18 -15.22
C HIS B 141 -6.88 -19.94 -15.61
N CYS B 142 -7.05 -21.26 -15.87
CA CYS B 142 -5.98 -22.05 -16.40
CA CYS B 142 -6.00 -22.19 -16.22
C CYS B 142 -6.55 -23.07 -17.35
N HIS B 143 -5.69 -23.67 -18.13
CA HIS B 143 -6.02 -24.66 -19.15
C HIS B 143 -5.84 -26.05 -18.55
N ALA B 144 -6.78 -26.43 -17.70
CA ALA B 144 -6.58 -27.64 -16.89
C ALA B 144 -6.84 -28.77 -17.85
N THR B 145 -5.86 -29.67 -18.06
CA THR B 145 -5.81 -30.57 -19.16
C THR B 145 -6.94 -31.56 -19.17
N ASN B 146 -7.20 -32.24 -18.06
CA ASN B 146 -8.24 -33.30 -18.15
C ASN B 146 -9.62 -32.74 -18.25
N LEU B 147 -9.79 -31.58 -17.63
CA LEU B 147 -11.06 -30.88 -17.69
C LEU B 147 -11.31 -30.48 -19.08
N ILE B 148 -10.32 -29.95 -19.78
CA ILE B 148 -10.54 -29.55 -21.18
C ILE B 148 -10.96 -30.78 -22.07
N ALA B 149 -10.24 -31.89 -21.88
CA ALA B 149 -10.44 -33.14 -22.60
C ALA B 149 -11.86 -33.64 -22.39
N LEU B 150 -12.32 -33.59 -21.13
CA LEU B 150 -13.64 -34.11 -20.83
C LEU B 150 -14.68 -33.28 -21.52
N THR B 151 -14.36 -32.03 -21.85
CA THR B 151 -15.37 -31.19 -22.56
C THR B 151 -15.64 -31.61 -24.00
N TYR B 152 -14.86 -32.55 -24.52
CA TYR B 152 -15.05 -33.09 -25.87
C TYR B 152 -15.82 -34.42 -25.81
N VAL B 153 -16.13 -34.88 -24.60
CA VAL B 153 -16.58 -36.24 -24.40
C VAL B 153 -17.83 -36.31 -23.54
N LEU B 154 -17.97 -35.43 -22.56
CA LEU B 154 -19.11 -35.40 -21.67
C LEU B 154 -20.11 -34.45 -22.24
N GLU B 155 -21.35 -34.65 -21.84
CA GLU B 155 -22.41 -33.83 -22.37
C GLU B 155 -22.07 -32.51 -21.69
N ASN B 156 -21.97 -31.44 -22.48
CA ASN B 156 -21.77 -30.12 -21.83
C ASN B 156 -23.16 -29.61 -21.41
N ASP B 157 -23.65 -30.27 -20.35
CA ASP B 157 -24.79 -29.97 -19.49
C ASP B 157 -24.17 -29.82 -18.06
N THR B 158 -24.32 -28.63 -17.46
CA THR B 158 -23.91 -28.35 -16.11
C THR B 158 -24.20 -29.49 -15.12
N ALA B 159 -25.40 -30.06 -15.14
CA ALA B 159 -25.78 -31.07 -14.13
C ALA B 159 -25.05 -32.39 -14.33
N VAL B 160 -24.96 -32.90 -15.56
CA VAL B 160 -24.28 -34.18 -15.77
C VAL B 160 -22.77 -34.09 -15.56
N PHE B 161 -22.14 -32.97 -15.98
CA PHE B 161 -20.71 -32.71 -15.85
C PHE B 161 -20.32 -32.50 -14.39
N THR B 162 -21.13 -31.71 -13.66
CA THR B 162 -20.94 -31.59 -12.23
C THR B 162 -21.02 -32.97 -11.55
N ARG B 163 -22.07 -33.73 -11.85
CA ARG B 163 -22.26 -35.04 -11.23
C ARG B 163 -21.11 -36.00 -11.49
N GLN B 164 -20.62 -36.06 -12.71
CA GLN B 164 -19.37 -36.79 -13.01
C GLN B 164 -18.19 -36.36 -12.13
N LEU B 165 -17.94 -35.05 -12.00
CA LEU B 165 -16.84 -34.60 -11.14
C LEU B 165 -17.03 -35.02 -9.69
N TRP B 166 -18.24 -34.95 -9.19
CA TRP B 166 -18.50 -35.37 -7.84
C TRP B 166 -18.21 -36.84 -7.68
N GLU B 167 -18.60 -37.65 -8.67
CA GLU B 167 -18.31 -39.08 -8.64
C GLU B 167 -16.85 -39.49 -8.71
N GLY B 168 -16.08 -38.69 -9.44
CA GLY B 168 -14.64 -38.89 -9.75
C GLY B 168 -13.65 -38.65 -8.59
N SER B 169 -14.10 -38.00 -7.53
CA SER B 169 -13.33 -37.96 -6.27
C SER B 169 -14.29 -37.63 -5.17
N THR B 170 -14.31 -38.41 -4.09
CA THR B 170 -15.41 -38.25 -3.09
C THR B 170 -15.57 -36.82 -2.52
N GLU B 171 -14.48 -36.08 -2.39
CA GLU B 171 -14.55 -34.85 -1.61
C GLU B 171 -14.93 -33.72 -2.55
N CYS B 172 -15.22 -33.98 -3.81
CA CYS B 172 -15.47 -32.88 -4.76
C CYS B 172 -16.71 -32.08 -4.40
N LEU B 173 -17.77 -32.82 -4.10
CA LEU B 173 -19.09 -32.31 -3.70
C LEU B 173 -18.94 -31.36 -2.53
N VAL B 174 -18.04 -31.72 -1.63
CA VAL B 174 -17.74 -30.94 -0.41
C VAL B 174 -17.03 -29.68 -0.79
N VAL B 175 -16.09 -29.80 -1.75
CA VAL B 175 -15.27 -28.69 -2.22
C VAL B 175 -16.03 -27.79 -3.14
N PHE B 176 -16.75 -28.35 -4.11
CA PHE B 176 -17.69 -27.54 -4.96
C PHE B 176 -19.17 -28.03 -5.06
N PRO B 177 -19.91 -27.88 -3.95
CA PRO B 177 -21.29 -28.33 -3.88
C PRO B 177 -22.17 -27.57 -4.87
N ASP B 178 -21.75 -26.36 -5.22
CA ASP B 178 -22.56 -25.60 -6.20
C ASP B 178 -22.33 -26.11 -7.65
N GLY B 179 -21.40 -27.03 -7.83
CA GLY B 179 -21.08 -27.54 -9.14
C GLY B 179 -20.29 -26.64 -10.08
N VAL B 180 -20.26 -27.02 -11.35
CA VAL B 180 -19.47 -26.27 -12.32
C VAL B 180 -20.31 -25.91 -13.52
N GLY B 181 -20.51 -24.60 -13.69
CA GLY B 181 -21.18 -24.04 -14.84
C GLY B 181 -20.48 -24.13 -16.15
N ILE B 182 -21.18 -24.53 -17.21
CA ILE B 182 -20.59 -24.67 -18.51
C ILE B 182 -21.06 -23.57 -19.42
N LEU B 183 -20.16 -22.98 -20.18
CA LEU B 183 -20.59 -21.96 -21.13
C LEU B 183 -20.68 -22.64 -22.47
N PRO B 184 -21.38 -22.04 -23.47
CA PRO B 184 -21.09 -22.48 -24.83
C PRO B 184 -19.68 -22.01 -25.19
N TRP B 185 -19.04 -22.69 -26.16
CA TRP B 185 -17.81 -22.15 -26.69
C TRP B 185 -18.14 -20.69 -27.06
N MET B 186 -17.21 -19.79 -26.79
CA MET B 186 -17.31 -18.36 -27.11
C MET B 186 -15.91 -17.85 -27.43
N VAL B 187 -15.83 -16.82 -28.26
CA VAL B 187 -14.53 -16.22 -28.60
C VAL B 187 -14.03 -15.70 -27.29
N PRO B 188 -12.77 -16.04 -26.93
CA PRO B 188 -12.16 -15.51 -25.72
C PRO B 188 -11.55 -14.10 -25.84
N GLY B 189 -11.43 -13.44 -24.70
CA GLY B 189 -10.73 -12.16 -24.53
C GLY B 189 -11.69 -11.04 -24.86
N THR B 190 -12.98 -11.36 -24.78
CA THR B 190 -14.04 -10.46 -25.20
C THR B 190 -14.88 -10.10 -23.99
N ASP B 191 -15.74 -9.11 -24.21
CA ASP B 191 -16.65 -8.60 -23.20
C ASP B 191 -17.82 -9.56 -22.99
N ALA B 192 -18.20 -10.24 -24.07
CA ALA B 192 -19.32 -11.19 -24.08
C ALA B 192 -19.02 -12.37 -23.21
N ILE B 193 -17.84 -12.97 -23.44
CA ILE B 193 -17.39 -14.15 -22.68
C ILE B 193 -17.15 -13.88 -21.20
N GLY B 194 -16.72 -12.65 -20.89
CA GLY B 194 -16.56 -12.17 -19.53
C GLY B 194 -17.89 -12.03 -18.83
N GLN B 195 -18.84 -11.46 -19.54
CA GLN B 195 -20.19 -11.33 -19.00
C GLN B 195 -20.89 -12.68 -18.75
N ALA B 196 -20.72 -13.62 -19.66
CA ALA B 196 -21.35 -14.92 -19.53
C ALA B 196 -20.66 -15.71 -18.40
N THR B 197 -19.36 -15.49 -18.26
CA THR B 197 -18.60 -16.06 -17.14
C THR B 197 -19.07 -15.51 -15.81
N ALA B 198 -19.19 -14.20 -15.72
CA ALA B 198 -19.61 -13.50 -14.52
C ALA B 198 -21.00 -13.93 -14.06
N GLN B 199 -21.86 -14.22 -15.05
CA GLN B 199 -23.24 -14.64 -14.84
C GLN B 199 -23.26 -16.03 -14.22
N GLU B 200 -22.43 -16.93 -14.74
CA GLU B 200 -22.31 -18.27 -14.14
C GLU B 200 -21.66 -18.22 -12.75
N MET B 201 -20.77 -17.25 -12.51
CA MET B 201 -20.12 -17.07 -11.18
C MET B 201 -21.10 -16.69 -10.07
N GLN B 202 -22.29 -16.24 -10.44
CA GLN B 202 -23.38 -15.98 -9.48
C GLN B 202 -23.87 -17.30 -8.85
N LYS B 203 -23.62 -18.43 -9.55
CA LYS B 203 -24.22 -19.69 -9.18
C LYS B 203 -23.22 -20.78 -8.86
N HIS B 204 -21.98 -20.60 -9.30
CA HIS B 204 -20.97 -21.64 -9.19
C HIS B 204 -19.67 -20.90 -8.94
N SER B 205 -18.70 -21.52 -8.23
CA SER B 205 -17.36 -21.01 -8.01
C SER B 205 -16.38 -21.43 -9.14
N LEU B 206 -16.78 -22.40 -9.95
CA LEU B 206 -16.09 -22.86 -11.17
C LEU B 206 -16.97 -22.67 -12.39
N VAL B 207 -16.37 -22.25 -13.49
CA VAL B 207 -17.08 -22.11 -14.76
C VAL B 207 -16.18 -22.68 -15.87
N LEU B 208 -16.74 -23.57 -16.69
CA LEU B 208 -15.99 -24.23 -17.78
C LEU B 208 -16.14 -23.50 -19.07
N TRP B 209 -15.06 -23.51 -19.83
CA TRP B 209 -15.02 -22.89 -21.11
C TRP B 209 -14.69 -24.07 -21.97
N PRO B 210 -15.70 -24.63 -22.65
CA PRO B 210 -15.41 -25.88 -23.33
C PRO B 210 -14.30 -25.68 -24.33
N PHE B 211 -13.47 -26.72 -24.48
CA PHE B 211 -12.39 -26.77 -25.48
C PHE B 211 -11.36 -25.67 -25.20
N HIS B 212 -11.33 -25.21 -23.97
CA HIS B 212 -10.44 -24.12 -23.59
C HIS B 212 -9.90 -24.24 -22.18
N GLY B 213 -10.72 -24.02 -21.17
CA GLY B 213 -10.24 -24.20 -19.82
C GLY B 213 -11.27 -23.92 -18.75
N VAL B 214 -10.82 -23.61 -17.53
CA VAL B 214 -11.70 -23.44 -16.39
C VAL B 214 -11.33 -22.08 -15.72
N PHE B 215 -12.29 -21.54 -14.97
CA PHE B 215 -12.20 -20.32 -14.23
C PHE B 215 -12.72 -20.75 -12.89
N GLY B 216 -12.03 -20.37 -11.83
CA GLY B 216 -12.53 -20.58 -10.47
C GLY B 216 -12.36 -19.33 -9.64
N SER B 217 -13.21 -19.15 -8.63
CA SER B 217 -13.14 -18.05 -7.73
C SER B 217 -12.90 -18.54 -6.31
N GLY B 218 -12.17 -17.74 -5.51
CA GLY B 218 -11.84 -18.16 -4.20
C GLY B 218 -11.41 -17.07 -3.28
N PRO B 219 -11.50 -17.33 -1.97
CA PRO B 219 -11.19 -16.29 -0.99
C PRO B 219 -9.66 -16.03 -0.91
N THR B 220 -8.84 -16.99 -1.33
CA THR B 220 -7.36 -16.85 -1.22
C THR B 220 -6.76 -17.56 -2.42
N LEU B 221 -5.56 -17.17 -2.88
CA LEU B 221 -4.85 -17.97 -3.91
C LEU B 221 -4.83 -19.50 -3.70
N ASP B 222 -4.30 -20.01 -2.60
CA ASP B 222 -4.44 -21.45 -2.27
C ASP B 222 -5.84 -22.14 -2.43
N GLU B 223 -6.88 -21.52 -1.86
CA GLU B 223 -8.20 -22.09 -1.89
C GLU B 223 -8.74 -22.07 -3.30
N THR B 224 -8.47 -21.01 -4.08
CA THR B 224 -8.80 -20.97 -5.49
C THR B 224 -8.11 -22.00 -6.34
N PHE B 225 -6.78 -22.00 -6.27
CA PHE B 225 -5.97 -23.06 -6.85
C PHE B 225 -6.47 -24.42 -6.42
N GLY B 226 -6.66 -24.65 -5.11
CA GLY B 226 -7.11 -25.95 -4.69
C GLY B 226 -8.48 -26.37 -5.19
N LEU B 227 -9.37 -25.40 -5.37
CA LEU B 227 -10.65 -25.60 -5.98
C LEU B 227 -10.50 -26.19 -7.37
N ILE B 228 -9.72 -25.52 -8.21
CA ILE B 228 -9.50 -26.02 -9.53
C ILE B 228 -8.76 -27.37 -9.54
N ASP B 229 -7.75 -27.54 -8.71
CA ASP B 229 -7.01 -28.79 -8.61
C ASP B 229 -7.93 -29.95 -8.21
N THR B 230 -8.89 -29.70 -7.34
CA THR B 230 -9.80 -30.72 -6.98
C THR B 230 -10.65 -31.14 -8.20
N ALA B 231 -11.11 -30.14 -8.95
CA ALA B 231 -11.94 -30.40 -10.07
C ALA B 231 -11.13 -31.14 -11.08
N GLU B 232 -9.90 -30.77 -11.31
CA GLU B 232 -8.98 -31.37 -12.33
C GLU B 232 -8.45 -32.72 -11.98
N LYS B 233 -8.23 -32.94 -10.70
CA LYS B 233 -7.92 -34.24 -10.18
C LYS B 233 -9.03 -35.22 -10.50
N SER B 234 -10.26 -34.82 -10.23
CA SER B 234 -11.35 -35.63 -10.54
C SER B 234 -11.43 -35.90 -12.05
N ALA B 235 -11.23 -34.89 -12.87
CA ALA B 235 -11.21 -35.03 -14.32
C ALA B 235 -10.15 -36.00 -14.75
N GLN B 236 -9.04 -36.02 -14.02
CA GLN B 236 -7.88 -36.86 -14.38
C GLN B 236 -8.25 -38.31 -14.07
N VAL B 237 -8.88 -38.55 -12.93
CA VAL B 237 -9.48 -39.86 -12.65
C VAL B 237 -10.51 -40.32 -13.72
N LEU B 238 -11.50 -39.51 -14.02
CA LEU B 238 -12.51 -39.80 -15.01
C LEU B 238 -11.88 -40.11 -16.32
N VAL B 239 -10.90 -39.32 -16.74
CA VAL B 239 -10.22 -39.63 -18.03
C VAL B 239 -9.72 -41.08 -18.09
N LYS B 240 -9.02 -41.48 -17.05
CA LYS B 240 -8.57 -42.85 -16.89
C LYS B 240 -9.72 -43.80 -16.94
N VAL B 241 -10.78 -43.54 -16.18
CA VAL B 241 -11.91 -44.53 -16.05
C VAL B 241 -12.60 -44.76 -17.37
N TYR B 242 -12.83 -43.67 -18.09
CA TYR B 242 -13.40 -43.68 -19.43
C TYR B 242 -12.48 -44.30 -20.43
N SER B 243 -11.17 -44.10 -20.28
CA SER B 243 -10.21 -44.70 -21.21
C SER B 243 -10.15 -46.22 -21.06
N MET B 244 -10.55 -46.68 -19.88
CA MET B 244 -10.54 -48.08 -19.51
C MET B 244 -11.94 -48.76 -19.80
N GLY B 245 -12.83 -48.02 -20.46
CA GLY B 245 -14.10 -48.50 -20.95
C GLY B 245 -15.26 -48.01 -20.11
N GLY B 246 -15.05 -47.17 -19.12
CA GLY B 246 -16.12 -46.63 -18.30
C GLY B 246 -16.35 -47.23 -16.94
N MET B 247 -17.22 -46.58 -16.16
CA MET B 247 -17.56 -47.01 -14.78
CA MET B 247 -17.59 -47.01 -14.79
C MET B 247 -18.38 -48.32 -14.68
N LYS B 248 -17.89 -49.20 -13.81
CA LYS B 248 -18.57 -50.41 -13.43
C LYS B 248 -19.42 -50.11 -12.18
N GLN B 249 -18.86 -49.32 -11.28
CA GLN B 249 -19.48 -48.85 -10.04
C GLN B 249 -19.04 -47.40 -9.78
N THR B 250 -19.81 -46.66 -9.00
CA THR B 250 -19.47 -45.28 -8.70
C THR B 250 -20.15 -44.90 -7.37
N ILE B 251 -20.00 -43.66 -6.98
CA ILE B 251 -20.67 -43.21 -5.77
C ILE B 251 -22.14 -43.04 -6.17
N SER B 252 -23.07 -43.54 -5.37
CA SER B 252 -24.50 -43.43 -5.73
C SER B 252 -25.08 -42.08 -5.29
N ARG B 253 -26.26 -41.75 -5.81
CA ARG B 253 -26.99 -40.54 -5.40
C ARG B 253 -27.14 -40.41 -3.87
N GLU B 254 -27.61 -41.49 -3.21
CA GLU B 254 -27.77 -41.45 -1.76
C GLU B 254 -26.46 -41.27 -1.02
N GLU B 255 -25.36 -41.78 -1.59
CA GLU B 255 -24.03 -41.59 -1.00
C GLU B 255 -23.69 -40.14 -1.13
N LEU B 256 -23.78 -39.60 -2.32
CA LEU B 256 -23.61 -38.16 -2.53
C LEU B 256 -24.46 -37.29 -1.60
N ILE B 257 -25.71 -37.71 -1.35
CA ILE B 257 -26.66 -37.02 -0.46
C ILE B 257 -26.27 -37.06 1.03
N ALA B 258 -25.88 -38.25 1.51
CA ALA B 258 -25.33 -38.45 2.87
C ALA B 258 -24.04 -37.63 3.09
N LEU B 259 -23.22 -37.53 2.05
CA LEU B 259 -22.01 -36.77 2.13
C LEU B 259 -22.26 -35.29 2.34
N GLY B 260 -23.25 -34.73 1.64
CA GLY B 260 -23.42 -33.29 1.70
C GLY B 260 -24.08 -32.96 3.00
N LYS B 261 -24.95 -33.87 3.47
CA LYS B 261 -25.53 -33.74 4.81
C LYS B 261 -24.47 -33.72 5.93
N ARG B 262 -23.56 -34.69 5.95
CA ARG B 262 -22.45 -34.72 6.93
CA ARG B 262 -22.55 -34.68 6.98
C ARG B 262 -21.56 -33.50 6.91
N PHE B 263 -21.29 -32.96 5.72
CA PHE B 263 -20.39 -31.81 5.63
C PHE B 263 -21.07 -30.44 5.72
N GLY B 264 -22.38 -30.42 5.89
CA GLY B 264 -23.12 -29.19 6.08
C GLY B 264 -23.08 -28.37 4.81
N VAL B 265 -23.24 -29.08 3.70
CA VAL B 265 -23.14 -28.53 2.36
C VAL B 265 -24.52 -28.68 1.64
N THR B 266 -24.86 -27.73 0.76
CA THR B 266 -26.09 -27.83 -0.02
C THR B 266 -25.78 -28.14 -1.51
N PRO B 267 -25.80 -29.45 -1.92
CA PRO B 267 -25.28 -29.80 -3.26
C PRO B 267 -26.24 -29.45 -4.39
N LEU B 268 -25.68 -28.98 -5.50
CA LEU B 268 -26.47 -28.51 -6.66
C LEU B 268 -27.53 -29.53 -6.92
N ALA B 269 -28.79 -29.13 -6.74
CA ALA B 269 -29.92 -30.01 -6.94
C ALA B 269 -29.87 -30.78 -8.26
N SER B 270 -29.63 -30.08 -9.38
CA SER B 270 -29.95 -30.69 -10.67
C SER B 270 -28.91 -31.75 -11.00
N ALA B 271 -27.80 -31.73 -10.26
CA ALA B 271 -26.75 -32.81 -10.33
C ALA B 271 -26.96 -34.00 -9.38
N LEU B 272 -27.91 -33.92 -8.45
CA LEU B 272 -28.64 -35.15 -7.84
C LEU B 272 -29.77 -36.00 -8.53
N ALA B 273 -29.53 -36.46 -9.75
CA ALA B 273 -30.31 -37.58 -10.26
C ALA B 273 -29.16 -38.40 -10.72
N LEU B 274 -28.40 -37.60 -11.49
CA LEU B 274 -27.13 -37.77 -12.23
C LEU B 274 -27.40 -36.77 -13.41
ZN ZN C . 1.59 15.84 17.49
ZN ZN D . 5.14 17.13 23.38
ZN ZN E . -7.44 -19.35 -21.69
ZN ZN F . -2.97 -13.80 -21.54
ZN ZN G . 7.22 6.93 1.14
ZN ZN H . -24.92 -22.34 -13.84
#